data_7Q1B
#
_entry.id   7Q1B
#
_cell.length_a   82.167
_cell.length_b   93.584
_cell.length_c   119.462
_cell.angle_alpha   90.000
_cell.angle_beta   90.000
_cell.angle_gamma   90.000
#
_symmetry.space_group_name_H-M   'I 2 2 2'
#
loop_
_entity.id
_entity.type
_entity.pdbx_description
1 polymer 'Histone deacetylase DAC2'
2 non-polymer 'ZINC ION'
3 non-polymer 'POTASSIUM ION'
4 non-polymer 2-[4-[[(1-methylindol-3-yl)methylamino]methyl]piperidin-1-yl]-~{N}-oxidanyl-pyrimidine-5-carboxamide
5 non-polymer GLYCEROL
6 water water
#
_entity_poly.entity_id   1
_entity_poly.type   'polypeptide(L)'
_entity_poly.pdbx_seq_one_letter_code
;MTDAVAGKTSLPPPVAIIVGHNIDASAMPLTYERNRFVIDMLQHYACPVFSHKKSGDAMNTVSSDVFEWVLEPFPVVGVE
DMTAFHDRAYLNYLSIREALSEVDERASTVKPPLRVLPDLVPIPADEEYGLVNENMPFVGMWRTIQATVSGTLLAARLLA
QPGRFAAIHWFGGRHHAKKSTAGGFCFANDVVLGVLELKKLLSSDKNGILVVDVDAHHGDGTQSAFLHDNSVLTLSMHAH
GVGIFPGTGGIEEIGAGLGRGFTMNVPLPEGATDILAVTLMYRSIHFAFKKLGEGLAAIVIVCGSDALSGDPLGALNLTV
GGMQSIIRLLLKEAARRSLKVLLLGAGGYVDTSCARLAGVVTKDVLSCAAAMRLGKTEYFGDSANLGDNLGVAVPEGCEY
FTRYGPSFLMHGLPPARVSKLYRLPYGSPLFMRMQRAATKEALRRRLNQEQDEEEDAEDSGLEVLFQ
;
_entity_poly.pdbx_strand_id   A
#
# COMPACT_ATOMS: atom_id res chain seq x y z
N LEU A 11 12.89 -16.30 -18.66
CA LEU A 11 12.60 -15.40 -17.54
C LEU A 11 11.29 -14.65 -17.76
N PRO A 12 10.50 -14.51 -16.69
CA PRO A 12 9.21 -13.81 -16.80
C PRO A 12 9.42 -12.32 -16.95
N PRO A 13 8.39 -11.58 -17.37
CA PRO A 13 8.47 -10.11 -17.30
C PRO A 13 8.78 -9.65 -15.89
N PRO A 14 9.62 -8.62 -15.73
CA PRO A 14 10.10 -8.29 -14.38
C PRO A 14 9.06 -7.71 -13.45
N VAL A 15 7.93 -7.18 -13.95
CA VAL A 15 6.91 -6.59 -13.10
C VAL A 15 5.63 -7.40 -13.21
N ALA A 16 5.11 -7.85 -12.06
CA ALA A 16 3.79 -8.48 -12.01
C ALA A 16 2.80 -7.49 -11.41
N ILE A 17 1.70 -7.25 -12.13
CA ILE A 17 0.64 -6.36 -11.67
C ILE A 17 -0.56 -7.23 -11.32
N ILE A 18 -0.92 -7.29 -10.05
CA ILE A 18 -1.94 -8.21 -9.57
C ILE A 18 -3.30 -7.52 -9.65
N VAL A 19 -4.16 -7.98 -10.56
CA VAL A 19 -5.43 -7.30 -10.81
C VAL A 19 -6.62 -8.20 -10.50
N GLY A 20 -6.69 -9.37 -11.14
CA GLY A 20 -7.82 -10.26 -11.00
C GLY A 20 -8.94 -9.96 -11.99
N HIS A 21 -9.84 -10.95 -12.11
CA HIS A 21 -10.97 -10.82 -13.03
C HIS A 21 -12.06 -9.91 -12.48
N ASN A 22 -12.21 -9.84 -11.16
CA ASN A 22 -13.20 -8.99 -10.53
C ASN A 22 -12.45 -7.97 -9.69
N ILE A 23 -12.29 -6.75 -10.24
CA ILE A 23 -11.54 -5.74 -9.47
C ILE A 23 -12.35 -5.20 -8.30
N ASP A 24 -13.67 -5.42 -8.28
CA ASP A 24 -14.49 -5.04 -7.13
C ASP A 24 -14.45 -6.04 -5.99
N ALA A 25 -13.80 -7.20 -6.18
CA ALA A 25 -13.82 -8.25 -5.17
C ALA A 25 -13.26 -7.77 -3.84
N SER A 26 -12.19 -6.98 -3.88
CA SER A 26 -11.52 -6.49 -2.68
C SER A 26 -11.98 -5.09 -2.27
N ALA A 27 -12.97 -4.52 -2.97
CA ALA A 27 -13.40 -3.16 -2.72
C ALA A 27 -14.03 -3.02 -1.33
N MET A 28 -13.64 -1.94 -0.59
CA MET A 28 -14.17 -1.69 0.74
CA MET A 28 -14.15 -1.66 0.75
C MET A 28 -15.38 -0.76 0.68
N PRO A 29 -16.26 -0.81 1.70
CA PRO A 29 -17.54 -0.08 1.58
C PRO A 29 -17.41 1.42 1.38
N LEU A 30 -16.41 2.05 2.02
CA LEU A 30 -16.26 3.50 1.99
C LEU A 30 -15.52 4.01 0.77
N THR A 31 -14.78 3.14 0.09
CA THR A 31 -13.99 3.48 -1.08
C THR A 31 -14.35 2.56 -2.23
N TYR A 32 -15.63 2.34 -2.44
CA TYR A 32 -16.06 1.20 -3.27
C TYR A 32 -15.60 1.36 -4.72
N GLU A 33 -15.58 2.58 -5.24
CA GLU A 33 -15.17 2.81 -6.63
C GLU A 33 -13.67 2.94 -6.81
N ARG A 34 -12.91 3.02 -5.73
CA ARG A 34 -11.51 3.44 -5.81
C ARG A 34 -10.70 2.49 -6.69
N ASN A 35 -10.90 1.17 -6.53
CA ASN A 35 -10.16 0.21 -7.37
C ASN A 35 -10.38 0.48 -8.86
N ARG A 36 -11.59 0.89 -9.22
CA ARG A 36 -11.88 1.17 -10.63
C ARG A 36 -11.09 2.36 -11.14
N PHE A 37 -11.04 3.45 -10.36
CA PHE A 37 -10.22 4.59 -10.76
C PHE A 37 -8.77 4.19 -10.93
N VAL A 38 -8.24 3.37 -10.00
CA VAL A 38 -6.82 3.02 -10.03
C VAL A 38 -6.51 2.18 -11.27
N ILE A 39 -7.30 1.14 -11.52
CA ILE A 39 -7.05 0.29 -12.67
C ILE A 39 -7.19 1.08 -13.97
N ASP A 40 -8.20 1.94 -14.04
CA ASP A 40 -8.37 2.81 -15.21
C ASP A 40 -7.12 3.61 -15.49
N MET A 41 -6.50 4.16 -14.43
CA MET A 41 -5.31 4.98 -14.64
C MET A 41 -4.10 4.13 -15.01
N LEU A 42 -3.97 2.93 -14.42
CA LEU A 42 -2.87 2.05 -14.82
C LEU A 42 -2.94 1.72 -16.31
N GLN A 43 -4.16 1.42 -16.79
CA GLN A 43 -4.31 1.00 -18.18
C GLN A 43 -3.97 2.12 -19.15
N HIS A 44 -4.34 3.35 -18.83
CA HIS A 44 -4.22 4.43 -19.80
C HIS A 44 -3.00 5.32 -19.58
N TYR A 45 -2.50 5.41 -18.34
CA TYR A 45 -1.33 6.22 -18.07
C TYR A 45 -0.06 5.39 -17.95
N ALA A 46 -0.07 4.32 -17.13
CA ALA A 46 1.19 3.68 -16.76
C ALA A 46 1.64 2.64 -17.78
N CYS A 47 0.73 1.81 -18.26
CA CYS A 47 1.10 0.64 -19.07
C CYS A 47 1.40 0.87 -20.56
N PRO A 48 0.69 1.79 -21.26
CA PRO A 48 0.78 1.79 -22.75
C PRO A 48 2.18 1.80 -23.34
N VAL A 49 3.06 2.68 -22.86
CA VAL A 49 4.39 2.80 -23.46
C VAL A 49 5.27 1.57 -23.24
N PHE A 50 4.88 0.66 -22.35
CA PHE A 50 5.65 -0.54 -22.07
C PHE A 50 5.01 -1.80 -22.67
N SER A 51 4.06 -1.64 -23.58
CA SER A 51 3.31 -2.79 -24.06
C SER A 51 2.83 -2.54 -25.48
N HIS A 52 2.27 -3.59 -26.07
CA HIS A 52 1.55 -3.53 -27.34
C HIS A 52 0.05 -3.62 -27.09
N MET A 59 -7.87 -5.85 -22.28
CA MET A 59 -6.60 -5.70 -21.56
C MET A 59 -5.94 -7.06 -21.33
N ASN A 60 -6.71 -8.13 -21.49
CA ASN A 60 -6.14 -9.47 -21.52
C ASN A 60 -5.44 -9.78 -22.83
N THR A 61 -5.53 -8.89 -23.82
CA THR A 61 -4.85 -9.03 -25.10
C THR A 61 -3.62 -8.14 -25.22
N VAL A 62 -2.97 -7.84 -24.09
CA VAL A 62 -1.81 -6.96 -24.06
C VAL A 62 -0.55 -7.82 -24.09
N SER A 63 0.45 -7.38 -24.85
CA SER A 63 1.75 -8.03 -24.90
C SER A 63 2.78 -7.09 -24.30
N SER A 64 3.60 -7.61 -23.38
CA SER A 64 4.64 -6.79 -22.77
C SER A 64 5.82 -7.67 -22.36
N ASP A 65 7.02 -7.20 -22.68
CA ASP A 65 8.25 -7.74 -22.10
C ASP A 65 8.53 -7.17 -20.71
N VAL A 66 7.81 -6.12 -20.30
CA VAL A 66 8.10 -5.40 -19.07
C VAL A 66 7.21 -5.86 -17.92
N PHE A 67 5.91 -5.94 -18.14
CA PHE A 67 4.98 -6.31 -17.08
C PHE A 67 4.10 -7.46 -17.51
N GLU A 68 3.55 -8.14 -16.50
CA GLU A 68 2.53 -9.17 -16.65
C GLU A 68 1.27 -8.68 -15.95
N TRP A 69 0.15 -8.68 -16.67
CA TRP A 69 -1.14 -8.19 -16.15
C TRP A 69 -1.90 -9.41 -15.65
N VAL A 70 -1.83 -9.64 -14.33
CA VAL A 70 -2.21 -10.93 -13.74
C VAL A 70 -3.70 -10.95 -13.42
N LEU A 71 -4.44 -11.81 -14.11
CA LEU A 71 -5.85 -12.06 -13.83
C LEU A 71 -6.10 -13.44 -13.26
N GLU A 72 -5.18 -14.37 -13.47
CA GLU A 72 -5.31 -15.77 -13.05
C GLU A 72 -3.93 -16.29 -12.71
N PRO A 73 -3.83 -17.27 -11.79
CA PRO A 73 -4.94 -17.72 -10.95
C PRO A 73 -4.77 -17.28 -9.50
N PHE A 74 -5.79 -16.64 -8.94
CA PHE A 74 -5.71 -16.20 -7.56
C PHE A 74 -5.87 -17.39 -6.62
N PRO A 75 -4.98 -17.56 -5.65
CA PRO A 75 -5.14 -18.68 -4.70
C PRO A 75 -6.42 -18.53 -3.90
N VAL A 76 -7.10 -19.64 -3.69
CA VAL A 76 -8.22 -19.68 -2.75
C VAL A 76 -7.66 -19.69 -1.34
N VAL A 77 -8.06 -18.71 -0.54
CA VAL A 77 -7.49 -18.55 0.79
C VAL A 77 -8.58 -18.72 1.82
N GLY A 78 -8.17 -19.23 2.98
CA GLY A 78 -9.08 -19.33 4.10
C GLY A 78 -8.38 -19.00 5.41
N VAL A 79 -8.99 -19.38 6.51
CA VAL A 79 -8.42 -19.13 7.83
C VAL A 79 -6.96 -19.57 7.89
N GLU A 80 -6.64 -20.74 7.33
CA GLU A 80 -5.29 -21.26 7.48
C GLU A 80 -4.24 -20.49 6.68
N ASP A 81 -4.65 -19.63 5.76
CA ASP A 81 -3.71 -18.78 5.04
C ASP A 81 -3.44 -17.48 5.75
N MET A 82 -4.03 -17.28 6.93
CA MET A 82 -3.89 -16.06 7.69
C MET A 82 -3.41 -16.30 9.10
N THR A 83 -3.31 -17.56 9.54
CA THR A 83 -2.84 -17.88 10.88
C THR A 83 -1.34 -17.66 11.05
N ALA A 84 -0.59 -17.44 9.98
CA ALA A 84 0.81 -17.07 10.12
C ALA A 84 0.98 -15.81 10.98
N PHE A 85 -0.04 -14.97 11.04
CA PHE A 85 -0.05 -13.80 11.92
C PHE A 85 -1.22 -13.81 12.88
N HIS A 86 -2.43 -14.03 12.39
CA HIS A 86 -3.63 -13.77 13.18
C HIS A 86 -4.03 -14.95 14.07
N ASP A 87 -4.65 -14.60 15.20
CA ASP A 87 -5.29 -15.58 16.08
C ASP A 87 -6.32 -16.39 15.32
N ARG A 88 -6.34 -17.71 15.56
CA ARG A 88 -7.26 -18.57 14.83
C ARG A 88 -8.70 -18.27 15.22
N ALA A 89 -8.97 -18.04 16.51
CA ALA A 89 -10.35 -17.77 16.93
C ALA A 89 -10.87 -16.49 16.28
N TYR A 90 -10.05 -15.44 16.23
CA TYR A 90 -10.44 -14.22 15.55
C TYR A 90 -10.77 -14.49 14.08
N LEU A 91 -9.89 -15.20 13.38
CA LEU A 91 -10.13 -15.53 11.98
C LEU A 91 -11.37 -16.39 11.80
N ASN A 92 -11.56 -17.38 12.68
CA ASN A 92 -12.76 -18.21 12.56
C ASN A 92 -14.02 -17.35 12.72
N TYR A 93 -13.98 -16.39 13.66
CA TYR A 93 -15.10 -15.49 13.85
C TYR A 93 -15.38 -14.65 12.60
N LEU A 94 -14.34 -14.08 11.99
CA LEU A 94 -14.53 -13.33 10.74
C LEU A 94 -15.14 -14.21 9.66
N SER A 95 -14.76 -15.49 9.63
CA SER A 95 -15.21 -16.39 8.58
C SER A 95 -16.70 -16.73 8.68
N ILE A 96 -17.32 -16.58 9.86
CA ILE A 96 -18.73 -16.93 10.00
C ILE A 96 -19.57 -15.74 10.47
N ARG A 97 -18.98 -14.56 10.65
CA ARG A 97 -19.71 -13.44 11.25
C ARG A 97 -20.95 -13.04 10.45
N GLU A 98 -20.88 -13.12 9.11
CA GLU A 98 -22.03 -12.69 8.32
C GLU A 98 -23.25 -13.61 8.50
N ALA A 99 -23.09 -14.76 9.12
CA ALA A 99 -24.23 -15.61 9.42
C ALA A 99 -24.84 -15.28 10.79
N LEU A 100 -24.28 -14.34 11.54
CA LEU A 100 -24.61 -14.17 12.95
C LEU A 100 -25.52 -12.99 13.25
N SER A 101 -25.87 -12.17 12.25
CA SER A 101 -26.82 -11.09 12.47
C SER A 101 -27.35 -10.61 11.12
N GLU A 102 -28.42 -9.81 11.18
CA GLU A 102 -29.07 -9.32 9.98
C GLU A 102 -28.43 -8.04 9.48
N VAL A 103 -28.70 -7.71 8.22
CA VAL A 103 -28.33 -6.40 7.71
C VAL A 103 -29.10 -5.36 8.50
N ASP A 104 -28.41 -4.30 8.90
CA ASP A 104 -29.02 -3.23 9.68
C ASP A 104 -29.83 -2.34 8.76
N GLU A 105 -31.14 -2.24 9.02
CA GLU A 105 -32.05 -1.46 8.18
C GLU A 105 -32.56 -0.18 8.84
N ARG A 106 -32.23 0.06 10.10
CA ARG A 106 -32.79 1.20 10.82
C ARG A 106 -32.07 2.51 10.50
N LEU A 114 -28.91 3.47 1.53
CA LEU A 114 -28.78 2.31 0.65
C LEU A 114 -27.37 2.21 0.09
N ARG A 115 -26.40 1.96 0.97
CA ARG A 115 -25.01 1.81 0.58
C ARG A 115 -24.74 0.37 0.15
N VAL A 116 -23.85 0.22 -0.84
CA VAL A 116 -23.39 -1.12 -1.20
C VAL A 116 -22.64 -1.70 -0.01
N LEU A 117 -22.58 -3.04 0.04
CA LEU A 117 -21.94 -3.73 1.16
C LEU A 117 -22.42 -3.16 2.50
N PRO A 118 -23.70 -3.26 2.85
CA PRO A 118 -24.20 -2.57 4.04
C PRO A 118 -23.80 -3.24 5.35
N ASP A 119 -23.80 -2.43 6.41
CA ASP A 119 -23.44 -2.90 7.74
C ASP A 119 -24.41 -3.96 8.25
N LEU A 120 -23.89 -4.85 9.08
CA LEU A 120 -24.70 -5.81 9.82
C LEU A 120 -25.08 -5.22 11.17
N VAL A 121 -26.13 -5.81 11.76
CA VAL A 121 -26.48 -5.46 13.13
C VAL A 121 -25.35 -5.87 14.07
N PRO A 122 -24.89 -5.00 14.97
CA PRO A 122 -23.82 -5.39 15.88
C PRO A 122 -24.31 -6.42 16.89
N ILE A 123 -23.38 -7.27 17.33
CA ILE A 123 -23.67 -8.25 18.38
C ILE A 123 -22.57 -8.16 19.43
N PRO A 124 -22.85 -8.60 20.66
CA PRO A 124 -21.86 -8.45 21.74
C PRO A 124 -20.52 -9.09 21.46
N ALA A 125 -20.49 -10.22 20.74
CA ALA A 125 -19.23 -10.89 20.50
C ALA A 125 -18.28 -10.10 19.59
N ASP A 126 -18.74 -9.02 18.96
CA ASP A 126 -17.85 -8.21 18.13
C ASP A 126 -16.82 -7.46 18.96
N GLU A 127 -17.12 -7.18 20.23
CA GLU A 127 -16.34 -6.22 21.00
C GLU A 127 -14.95 -6.73 21.32
N GLU A 128 -14.85 -8.02 21.68
CA GLU A 128 -13.57 -8.63 21.98
C GLU A 128 -12.55 -8.40 20.86
N TYR A 129 -13.02 -8.35 19.61
CA TYR A 129 -12.15 -8.29 18.46
C TYR A 129 -12.06 -6.90 17.86
N GLY A 130 -12.68 -5.89 18.47
CA GLY A 130 -12.63 -4.56 17.90
C GLY A 130 -13.50 -4.36 16.67
N LEU A 131 -14.44 -5.28 16.44
CA LEU A 131 -15.31 -5.23 15.25
C LEU A 131 -16.50 -4.30 15.52
N VAL A 132 -16.17 -3.04 15.82
CA VAL A 132 -17.12 -2.00 16.18
C VAL A 132 -16.68 -0.71 15.48
N ASN A 133 -17.54 0.30 15.56
CA ASN A 133 -17.28 1.62 14.98
C ASN A 133 -16.82 1.47 13.52
N GLU A 134 -15.64 2.00 13.19
CA GLU A 134 -15.20 1.94 11.80
C GLU A 134 -14.99 0.51 11.31
N ASN A 135 -14.98 -0.48 12.21
CA ASN A 135 -14.71 -1.87 11.84
C ASN A 135 -15.96 -2.73 11.95
N MET A 136 -17.13 -2.10 11.83
CA MET A 136 -18.41 -2.80 11.87
C MET A 136 -18.48 -3.88 10.79
N PRO A 137 -18.91 -5.11 11.13
CA PRO A 137 -19.12 -6.12 10.08
C PRO A 137 -20.14 -5.67 9.05
N PHE A 138 -19.98 -6.17 7.82
CA PHE A 138 -20.81 -5.79 6.69
C PHE A 138 -20.91 -6.98 5.74
N VAL A 139 -21.94 -6.99 4.89
CA VAL A 139 -22.11 -8.14 4.00
C VAL A 139 -21.01 -8.13 2.94
N GLY A 140 -20.38 -9.29 2.75
CA GLY A 140 -19.23 -9.40 1.89
C GLY A 140 -17.89 -9.22 2.57
N MET A 141 -17.87 -8.97 3.88
CA MET A 141 -16.62 -8.71 4.57
C MET A 141 -15.60 -9.83 4.36
N TRP A 142 -16.02 -11.07 4.60
CA TRP A 142 -15.08 -12.18 4.49
C TRP A 142 -14.62 -12.37 3.04
N ARG A 143 -15.54 -12.21 2.08
CA ARG A 143 -15.12 -12.25 0.67
C ARG A 143 -14.14 -11.13 0.35
N THR A 144 -14.38 -9.92 0.88
CA THR A 144 -13.44 -8.82 0.68
C THR A 144 -12.09 -9.14 1.31
N ILE A 145 -12.08 -9.72 2.51
CA ILE A 145 -10.83 -10.08 3.16
C ILE A 145 -10.09 -11.12 2.33
N GLN A 146 -10.80 -12.16 1.88
CA GLN A 146 -10.20 -13.21 1.06
C GLN A 146 -9.54 -12.63 -0.19
N ALA A 147 -10.28 -11.82 -0.95
CA ALA A 147 -9.71 -11.26 -2.17
C ALA A 147 -8.46 -10.42 -1.88
N THR A 148 -8.45 -9.72 -0.75
CA THR A 148 -7.30 -8.88 -0.41
C THR A 148 -6.07 -9.73 -0.09
N VAL A 149 -6.24 -10.70 0.80
CA VAL A 149 -5.15 -11.60 1.18
C VAL A 149 -4.69 -12.42 -0.01
N SER A 150 -5.64 -12.98 -0.78
CA SER A 150 -5.29 -13.75 -1.97
C SER A 150 -4.39 -12.96 -2.90
N GLY A 151 -4.76 -11.71 -3.19
CA GLY A 151 -3.97 -10.89 -4.09
C GLY A 151 -2.58 -10.60 -3.57
N THR A 152 -2.47 -10.30 -2.26
CA THR A 152 -1.16 -9.96 -1.73
C THR A 152 -0.28 -11.21 -1.63
N LEU A 153 -0.87 -12.35 -1.28
CA LEU A 153 -0.08 -13.60 -1.24
C LEU A 153 0.39 -13.99 -2.63
N LEU A 154 -0.48 -13.84 -3.64
CA LEU A 154 -0.06 -14.09 -5.02
C LEU A 154 1.05 -13.14 -5.45
N ALA A 155 0.96 -11.86 -5.08
CA ALA A 155 2.03 -10.90 -5.36
C ALA A 155 3.36 -11.37 -4.78
N ALA A 156 3.36 -11.78 -3.51
CA ALA A 156 4.60 -12.22 -2.88
C ALA A 156 5.17 -13.44 -3.59
N ARG A 157 4.30 -14.39 -3.97
CA ARG A 157 4.76 -15.61 -4.63
C ARG A 157 5.36 -15.33 -5.99
N LEU A 158 4.73 -14.44 -6.77
CA LEU A 158 5.31 -14.09 -8.07
C LEU A 158 6.60 -13.31 -7.90
N LEU A 159 6.66 -12.44 -6.89
CA LEU A 159 7.88 -11.65 -6.66
C LEU A 159 9.08 -12.55 -6.38
N ALA A 160 8.87 -13.67 -5.68
CA ALA A 160 9.99 -14.53 -5.27
C ALA A 160 10.63 -15.26 -6.45
N GLN A 161 9.95 -15.31 -7.60
CA GLN A 161 10.47 -16.01 -8.76
C GLN A 161 11.73 -15.33 -9.28
N PRO A 162 12.67 -16.09 -9.85
CA PRO A 162 13.87 -15.47 -10.43
C PRO A 162 13.51 -14.54 -11.58
N GLY A 163 14.27 -13.45 -11.69
CA GLY A 163 14.03 -12.44 -12.71
C GLY A 163 12.93 -11.45 -12.38
N ARG A 164 12.17 -11.67 -11.33
CA ARG A 164 11.07 -10.78 -10.98
C ARG A 164 11.60 -9.61 -10.15
N PHE A 165 11.40 -8.39 -10.65
CA PHE A 165 11.83 -7.19 -9.94
C PHE A 165 10.78 -6.70 -8.95
N ALA A 166 9.53 -6.59 -9.39
CA ALA A 166 8.49 -5.98 -8.57
C ALA A 166 7.18 -6.72 -8.75
N ALA A 167 6.34 -6.66 -7.72
CA ALA A 167 4.97 -7.13 -7.77
C ALA A 167 4.09 -6.05 -7.17
N ILE A 168 2.98 -5.72 -7.85
CA ILE A 168 2.17 -4.57 -7.51
C ILE A 168 0.76 -5.03 -7.21
N HIS A 169 0.29 -4.79 -5.98
CA HIS A 169 -1.09 -5.10 -5.60
C HIS A 169 -1.69 -3.86 -4.94
N TRP A 170 -2.22 -2.94 -5.75
CA TRP A 170 -2.79 -1.71 -5.21
C TRP A 170 -3.98 -1.98 -4.30
N PHE A 171 -4.61 -3.16 -4.40
CA PHE A 171 -5.79 -3.46 -3.61
C PHE A 171 -5.46 -3.97 -2.21
N GLY A 172 -4.18 -4.23 -1.91
CA GLY A 172 -3.77 -4.60 -0.57
C GLY A 172 -3.34 -3.39 0.23
N GLY A 173 -2.88 -3.67 1.45
CA GLY A 173 -2.29 -2.67 2.32
C GLY A 173 -3.05 -2.42 3.62
N ARG A 174 -3.66 -3.46 4.21
CA ARG A 174 -4.53 -3.29 5.37
C ARG A 174 -3.69 -3.27 6.65
N HIS A 175 -2.95 -2.17 6.81
CA HIS A 175 -1.84 -2.13 7.75
C HIS A 175 -2.23 -1.95 9.22
N HIS A 176 -3.50 -1.66 9.55
CA HIS A 176 -3.88 -1.45 10.95
C HIS A 176 -4.27 -2.73 11.68
N ALA A 177 -4.59 -3.81 10.98
CA ALA A 177 -5.09 -5.01 11.65
C ALA A 177 -3.99 -5.61 12.52
N LYS A 178 -4.39 -6.07 13.70
CA LYS A 178 -3.49 -6.66 14.68
C LYS A 178 -3.84 -8.14 14.87
N LYS A 179 -3.03 -8.82 15.69
CA LYS A 179 -3.11 -10.28 15.78
C LYS A 179 -4.53 -10.76 16.02
N SER A 180 -5.25 -10.13 16.96
CA SER A 180 -6.61 -10.58 17.25
C SER A 180 -7.61 -9.43 17.32
N THR A 181 -7.31 -8.27 16.70
CA THR A 181 -8.24 -7.16 16.73
C THR A 181 -8.22 -6.42 15.39
N ALA A 182 -9.38 -5.94 14.99
CA ALA A 182 -9.51 -5.07 13.82
C ALA A 182 -9.28 -3.62 14.22
N GLY A 183 -8.99 -2.80 13.22
CA GLY A 183 -8.79 -1.39 13.48
C GLY A 183 -8.64 -0.62 12.18
N GLY A 184 -9.10 0.63 12.16
CA GLY A 184 -8.85 1.52 11.02
C GLY A 184 -9.32 0.97 9.68
N PHE A 185 -10.48 0.30 9.66
CA PHE A 185 -11.08 -0.36 8.50
C PHE A 185 -10.35 -1.64 8.10
N CYS A 186 -9.44 -2.14 8.92
CA CYS A 186 -8.61 -3.31 8.59
C CYS A 186 -9.00 -4.49 9.45
N PHE A 187 -9.24 -5.64 8.80
CA PHE A 187 -9.58 -6.88 9.50
C PHE A 187 -8.44 -7.87 9.50
N ALA A 188 -7.90 -8.21 8.34
CA ALA A 188 -6.75 -9.07 8.22
C ALA A 188 -5.60 -8.26 7.65
N ASN A 189 -4.40 -8.43 8.21
CA ASN A 189 -3.27 -7.60 7.83
C ASN A 189 -2.52 -8.30 6.71
N ASP A 190 -2.85 -7.93 5.47
CA ASP A 190 -2.16 -8.59 4.36
C ASP A 190 -0.73 -8.09 4.22
N VAL A 191 -0.41 -6.92 4.79
CA VAL A 191 0.98 -6.48 4.75
C VAL A 191 1.86 -7.49 5.47
N VAL A 192 1.46 -7.86 6.70
CA VAL A 192 2.20 -8.84 7.49
C VAL A 192 2.23 -10.18 6.79
N LEU A 193 1.07 -10.66 6.33
CA LEU A 193 1.03 -11.97 5.67
C LEU A 193 1.89 -11.96 4.40
N GLY A 194 1.91 -10.84 3.67
CA GLY A 194 2.75 -10.78 2.48
C GLY A 194 4.23 -10.76 2.84
N VAL A 195 4.59 -10.06 3.92
CA VAL A 195 5.97 -10.06 4.37
C VAL A 195 6.40 -11.48 4.74
N LEU A 196 5.56 -12.18 5.50
CA LEU A 196 5.92 -13.53 5.95
C LEU A 196 6.03 -14.49 4.76
N GLU A 197 5.14 -14.35 3.78
CA GLU A 197 5.17 -15.25 2.63
C GLU A 197 6.40 -15.00 1.76
N LEU A 198 6.67 -13.73 1.45
CA LEU A 198 7.85 -13.39 0.67
C LEU A 198 9.13 -13.86 1.36
N LYS A 199 9.23 -13.64 2.67
CA LYS A 199 10.44 -14.01 3.41
C LYS A 199 10.70 -15.51 3.37
N LYS A 200 9.64 -16.33 3.47
CA LYS A 200 9.86 -17.76 3.49
C LYS A 200 10.21 -18.33 2.12
N LEU A 201 10.03 -17.55 1.05
CA LEU A 201 10.39 -17.98 -0.29
C LEU A 201 11.72 -17.38 -0.76
N LEU A 202 12.34 -16.52 0.04
CA LEU A 202 13.66 -16.01 -0.27
C LEU A 202 14.72 -16.90 0.38
N SER A 203 15.93 -16.84 -0.18
CA SER A 203 17.04 -17.62 0.36
C SER A 203 17.27 -17.27 1.82
N SER A 204 17.24 -18.27 2.70
CA SER A 204 17.39 -18.00 4.13
C SER A 204 18.77 -17.49 4.49
N ASP A 205 19.67 -17.34 3.51
CA ASP A 205 20.89 -16.57 3.71
C ASP A 205 20.58 -15.07 3.75
N LYS A 206 19.83 -14.58 2.77
CA LYS A 206 19.57 -13.15 2.59
C LYS A 206 18.06 -12.94 2.39
N ASN A 207 17.35 -12.67 3.48
CA ASN A 207 15.90 -12.50 3.42
C ASN A 207 15.41 -11.35 4.30
N GLY A 208 16.27 -10.38 4.59
CA GLY A 208 15.83 -9.20 5.33
C GLY A 208 14.83 -8.38 4.52
N ILE A 209 13.86 -7.82 5.22
CA ILE A 209 12.74 -7.09 4.61
C ILE A 209 12.68 -5.70 5.21
N LEU A 210 12.54 -4.68 4.35
CA LEU A 210 12.23 -3.32 4.76
C LEU A 210 10.79 -3.01 4.37
N VAL A 211 9.98 -2.58 5.34
CA VAL A 211 8.59 -2.19 5.09
C VAL A 211 8.48 -0.68 5.29
N VAL A 212 8.23 0.05 4.20
CA VAL A 212 8.10 1.51 4.26
C VAL A 212 6.64 1.86 4.04
N ASP A 213 6.04 2.47 5.05
CA ASP A 213 4.60 2.75 5.11
C ASP A 213 4.41 4.26 5.03
N VAL A 214 3.95 4.75 3.87
CA VAL A 214 3.77 6.19 3.65
C VAL A 214 2.30 6.58 3.54
N ASP A 215 1.37 5.68 3.89
CA ASP A 215 0.03 6.10 4.28
C ASP A 215 0.14 7.15 5.39
N ALA A 216 -0.85 8.05 5.47
CA ALA A 216 -0.83 9.18 6.40
C ALA A 216 -0.99 8.76 7.86
N HIS A 217 -1.32 7.51 8.13
CA HIS A 217 -1.54 7.06 9.50
C HIS A 217 -0.50 6.04 9.89
N HIS A 218 -0.25 5.95 11.20
CA HIS A 218 0.78 5.05 11.71
C HIS A 218 0.47 3.60 11.31
N GLY A 219 1.46 2.91 10.75
CA GLY A 219 1.30 1.51 10.44
C GLY A 219 1.42 0.66 11.69
N ASP A 220 0.45 0.79 12.59
CA ASP A 220 0.58 0.18 13.91
C ASP A 220 0.42 -1.34 13.86
N GLY A 221 -0.39 -1.85 12.93
CA GLY A 221 -0.58 -3.30 12.88
C GLY A 221 0.67 -4.01 12.41
N THR A 222 1.26 -3.53 11.31
CA THR A 222 2.51 -4.08 10.81
C THR A 222 3.61 -3.96 11.86
N GLN A 223 3.72 -2.80 12.50
CA GLN A 223 4.73 -2.62 13.53
C GLN A 223 4.58 -3.66 14.64
N SER A 224 3.34 -3.89 15.07
CA SER A 224 3.09 -4.81 16.19
C SER A 224 3.54 -6.22 15.83
N ALA A 225 3.38 -6.60 14.56
CA ALA A 225 3.73 -7.96 14.15
C ALA A 225 5.22 -8.21 14.20
N PHE A 226 6.04 -7.18 14.02
CA PHE A 226 7.49 -7.36 13.94
C PHE A 226 8.22 -6.60 15.04
N LEU A 227 7.51 -6.21 16.10
CA LEU A 227 8.09 -5.35 17.13
C LEU A 227 9.35 -5.95 17.74
N HIS A 228 9.39 -7.28 17.90
CA HIS A 228 10.53 -7.94 18.52
C HIS A 228 11.49 -8.53 17.49
N ASP A 229 11.28 -8.24 16.22
CA ASP A 229 11.93 -8.94 15.13
C ASP A 229 13.04 -8.07 14.55
N ASN A 230 14.20 -8.68 14.31
CA ASN A 230 15.34 -7.96 13.76
C ASN A 230 15.62 -8.33 12.31
N SER A 231 14.74 -9.09 11.67
CA SER A 231 14.87 -9.43 10.26
C SER A 231 13.89 -8.65 9.39
N VAL A 232 12.89 -8.00 9.98
CA VAL A 232 11.94 -7.13 9.28
C VAL A 232 11.99 -5.75 9.93
N LEU A 233 12.41 -4.75 9.16
CA LEU A 233 12.48 -3.37 9.65
C LEU A 233 11.24 -2.63 9.17
N THR A 234 10.40 -2.16 10.10
CA THR A 234 9.22 -1.39 9.73
C THR A 234 9.49 0.09 9.92
N LEU A 235 9.22 0.86 8.87
CA LEU A 235 9.42 2.31 8.87
C LEU A 235 8.10 2.96 8.45
N SER A 236 7.51 3.74 9.36
CA SER A 236 6.23 4.40 9.10
C SER A 236 6.39 5.92 9.17
N MET A 237 5.99 6.59 8.11
CA MET A 237 5.76 8.03 8.09
C MET A 237 4.28 8.30 8.32
N HIS A 238 3.93 9.28 9.15
CA HIS A 238 2.52 9.54 9.39
C HIS A 238 2.34 10.86 10.12
N ALA A 239 1.14 11.41 10.01
CA ALA A 239 0.75 12.51 10.89
C ALA A 239 0.64 12.01 12.32
N HIS A 240 0.87 12.89 13.29
CA HIS A 240 0.88 12.48 14.68
C HIS A 240 0.50 13.66 15.55
N GLY A 241 -0.36 13.43 16.52
CA GLY A 241 -0.78 14.50 17.41
C GLY A 241 -2.17 14.24 17.93
N VAL A 242 -2.64 15.20 18.74
CA VAL A 242 -3.93 15.09 19.38
C VAL A 242 -5.03 14.95 18.33
N GLY A 243 -5.86 13.93 18.48
CA GLY A 243 -6.95 13.71 17.56
C GLY A 243 -6.59 13.03 16.26
N ILE A 244 -5.34 12.58 16.11
CA ILE A 244 -4.88 11.95 14.88
C ILE A 244 -4.80 10.44 15.09
N PHE A 245 -5.69 9.71 14.41
CA PHE A 245 -5.74 8.26 14.48
C PHE A 245 -4.43 7.66 13.94
N PRO A 246 -3.90 6.59 14.56
CA PRO A 246 -4.47 5.89 15.73
C PRO A 246 -3.85 6.29 17.07
N GLY A 247 -3.10 7.38 17.11
CA GLY A 247 -2.56 7.89 18.36
C GLY A 247 -1.20 7.35 18.75
N THR A 248 -0.66 6.39 18.03
CA THR A 248 0.62 5.76 18.30
C THR A 248 1.64 6.19 17.25
N GLY A 249 2.86 5.69 17.40
CA GLY A 249 3.89 5.93 16.42
C GLY A 249 4.77 7.12 16.71
N GLY A 250 4.97 7.46 17.98
CA GLY A 250 5.92 8.50 18.33
C GLY A 250 7.33 8.06 18.02
N ILE A 251 8.23 9.04 17.99
CA ILE A 251 9.63 8.77 17.66
C ILE A 251 10.28 7.80 18.64
N GLU A 252 9.74 7.70 19.86
CA GLU A 252 10.33 6.85 20.88
C GLU A 252 10.04 5.37 20.67
N GLU A 253 9.11 5.00 19.78
CA GLU A 253 8.84 3.59 19.54
C GLU A 253 9.92 3.05 18.61
N ILE A 254 10.86 2.28 19.16
CA ILE A 254 11.99 1.79 18.39
C ILE A 254 12.10 0.28 18.38
N GLY A 255 11.16 -0.44 18.98
CA GLY A 255 11.19 -1.87 18.98
C GLY A 255 11.73 -2.43 20.30
N ALA A 256 11.54 -3.74 20.49
CA ALA A 256 11.84 -4.38 21.76
C ALA A 256 12.66 -5.65 21.53
N GLY A 257 13.45 -6.03 22.54
CA GLY A 257 14.22 -7.27 22.43
C GLY A 257 15.23 -7.20 21.30
N LEU A 258 15.33 -8.30 20.56
CA LEU A 258 16.15 -8.30 19.35
C LEU A 258 15.70 -7.22 18.35
N GLY A 259 14.43 -6.82 18.40
CA GLY A 259 13.89 -5.82 17.51
C GLY A 259 14.19 -4.39 17.87
N ARG A 260 14.92 -4.16 18.97
CA ARG A 260 15.32 -2.81 19.32
C ARG A 260 16.18 -2.22 18.20
N GLY A 261 15.77 -1.06 17.68
CA GLY A 261 16.43 -0.44 16.56
C GLY A 261 15.84 -0.75 15.19
N PHE A 262 14.95 -1.75 15.10
CA PHE A 262 14.38 -2.20 13.84
C PHE A 262 12.92 -1.81 13.68
N THR A 263 12.44 -0.88 14.51
CA THR A 263 11.19 -0.17 14.32
C THR A 263 11.54 1.30 14.20
N MET A 264 11.02 1.96 13.15
CA MET A 264 11.28 3.37 12.94
C MET A 264 9.98 4.10 12.65
N ASN A 265 9.83 5.27 13.26
CA ASN A 265 8.64 6.09 13.06
C ASN A 265 9.06 7.52 12.76
N VAL A 266 8.41 8.10 11.76
CA VAL A 266 8.64 9.51 11.44
C VAL A 266 7.30 10.23 11.66
N PRO A 267 7.02 10.68 12.87
CA PRO A 267 5.74 11.35 13.16
C PRO A 267 5.80 12.79 12.69
N LEU A 268 4.92 13.15 11.83
CA LEU A 268 4.93 14.49 11.28
C LEU A 268 3.82 15.33 11.91
N PRO A 269 4.01 16.64 12.05
CA PRO A 269 2.94 17.48 12.55
C PRO A 269 1.83 17.60 11.52
N GLU A 270 0.60 17.77 12.01
CA GLU A 270 -0.55 17.88 11.13
C GLU A 270 -0.33 18.99 10.11
N GLY A 271 -0.54 18.65 8.82
CA GLY A 271 -0.36 19.62 7.74
C GLY A 271 1.02 19.66 7.13
N ALA A 272 1.94 18.82 7.58
CA ALA A 272 3.30 18.81 7.04
C ALA A 272 3.29 18.72 5.52
N THR A 273 4.17 19.50 4.89
CA THR A 273 4.33 19.49 3.45
C THR A 273 5.57 18.69 3.06
N ASP A 274 5.82 18.62 1.74
CA ASP A 274 6.95 17.87 1.18
C ASP A 274 8.27 18.21 1.87
N ILE A 275 8.53 19.50 2.13
CA ILE A 275 9.85 19.87 2.60
C ILE A 275 10.15 19.18 3.94
N LEU A 276 9.11 18.96 4.75
CA LEU A 276 9.28 18.20 5.98
C LEU A 276 9.32 16.71 5.70
N ALA A 277 8.27 16.18 5.05
CA ALA A 277 8.16 14.72 4.95
C ALA A 277 9.24 14.13 4.06
N VAL A 278 9.50 14.75 2.90
CA VAL A 278 10.48 14.18 1.97
C VAL A 278 11.86 14.21 2.57
N THR A 279 12.22 15.32 3.22
CA THR A 279 13.55 15.45 3.82
C THR A 279 13.75 14.42 4.93
N LEU A 280 12.80 14.32 5.86
CA LEU A 280 12.97 13.39 6.97
C LEU A 280 12.94 11.94 6.51
N MET A 281 12.11 11.61 5.52
CA MET A 281 12.03 10.23 5.05
C MET A 281 13.28 9.82 4.27
N TYR A 282 13.87 10.75 3.52
CA TYR A 282 15.15 10.45 2.88
C TYR A 282 16.19 10.07 3.92
N ARG A 283 16.25 10.83 5.02
CA ARG A 283 17.20 10.51 6.08
C ARG A 283 16.86 9.17 6.73
N SER A 284 15.58 8.94 7.05
CA SER A 284 15.20 7.70 7.71
C SER A 284 15.42 6.49 6.82
N ILE A 285 15.13 6.62 5.53
CA ILE A 285 15.33 5.49 4.62
C ILE A 285 16.81 5.13 4.52
N HIS A 286 17.68 6.14 4.41
CA HIS A 286 19.11 5.85 4.31
C HIS A 286 19.63 5.19 5.59
N PHE A 287 19.14 5.62 6.75
CA PHE A 287 19.54 4.96 7.98
C PHE A 287 19.03 3.52 8.01
N ALA A 288 17.79 3.30 7.53
CA ALA A 288 17.26 1.95 7.45
C ALA A 288 18.11 1.07 6.53
N PHE A 289 18.59 1.62 5.42
CA PHE A 289 19.47 0.87 4.53
C PHE A 289 20.76 0.47 5.25
N LYS A 290 21.31 1.37 6.06
CA LYS A 290 22.52 1.04 6.80
C LYS A 290 22.25 -0.02 7.87
N LYS A 291 21.09 0.07 8.53
CA LYS A 291 20.78 -0.88 9.60
C LYS A 291 20.69 -2.30 9.06
N LEU A 292 20.07 -2.49 7.89
CA LEU A 292 19.90 -3.82 7.32
C LEU A 292 21.12 -4.27 6.52
N GLY A 293 21.88 -3.35 5.94
CA GLY A 293 23.09 -3.72 5.23
C GLY A 293 22.82 -4.72 4.12
N GLU A 294 23.75 -5.67 3.97
CA GLU A 294 23.66 -6.65 2.89
C GLU A 294 22.66 -7.78 3.17
N GLY A 295 21.98 -7.76 4.30
CA GLY A 295 20.90 -8.70 4.51
C GLY A 295 19.59 -8.30 3.86
N LEU A 296 19.51 -7.08 3.33
CA LEU A 296 18.28 -6.61 2.70
C LEU A 296 18.03 -7.36 1.41
N ALA A 297 16.91 -8.09 1.34
CA ALA A 297 16.51 -8.76 0.12
C ALA A 297 15.37 -8.08 -0.62
N ALA A 298 14.49 -7.40 0.11
CA ALA A 298 13.25 -6.91 -0.48
C ALA A 298 12.77 -5.68 0.26
N ILE A 299 12.11 -4.78 -0.47
CA ILE A 299 11.44 -3.61 0.09
C ILE A 299 9.95 -3.79 -0.13
N VAL A 300 9.17 -3.72 0.94
CA VAL A 300 7.71 -3.75 0.88
C VAL A 300 7.22 -2.33 1.07
N ILE A 301 6.46 -1.82 0.10
CA ILE A 301 6.03 -0.43 0.11
C ILE A 301 4.53 -0.40 0.36
N VAL A 302 4.11 0.31 1.41
CA VAL A 302 2.69 0.47 1.74
C VAL A 302 2.34 1.91 1.37
N CYS A 303 1.82 2.09 0.17
CA CYS A 303 1.67 3.40 -0.46
C CYS A 303 0.21 3.82 -0.37
N GLY A 304 -0.14 4.53 0.71
CA GLY A 304 -1.45 5.12 0.84
C GLY A 304 -1.47 6.57 0.39
N SER A 305 -2.43 6.89 -0.45
CA SER A 305 -2.56 8.24 -1.00
C SER A 305 -3.28 9.20 -0.07
N ASP A 306 -3.62 8.78 1.17
CA ASP A 306 -4.28 9.72 2.05
C ASP A 306 -3.32 10.72 2.69
N ALA A 307 -2.01 10.57 2.46
CA ALA A 307 -1.04 11.58 2.86
C ALA A 307 -1.04 12.79 1.94
N LEU A 308 -1.70 12.70 0.78
CA LEU A 308 -1.74 13.81 -0.15
C LEU A 308 -2.64 14.93 0.34
N SER A 309 -2.24 16.16 0.04
CA SER A 309 -3.05 17.32 0.38
C SER A 309 -4.48 17.14 -0.13
N GLY A 310 -5.45 17.63 0.65
CA GLY A 310 -6.86 17.57 0.29
C GLY A 310 -7.59 16.33 0.77
N ASP A 311 -6.90 15.37 1.36
CA ASP A 311 -7.59 14.16 1.79
C ASP A 311 -8.48 14.45 2.98
N PRO A 312 -9.68 13.86 3.03
CA PRO A 312 -10.59 14.12 4.16
C PRO A 312 -10.21 13.40 5.45
N LEU A 313 -9.47 12.29 5.39
CA LEU A 313 -9.15 11.51 6.58
C LEU A 313 -7.67 11.54 6.94
N GLY A 314 -6.79 11.65 5.96
CA GLY A 314 -5.40 11.96 6.25
C GLY A 314 -5.24 13.41 6.67
N ALA A 315 -4.13 13.71 7.33
CA ALA A 315 -3.94 15.04 7.91
C ALA A 315 -2.61 15.64 7.49
N LEU A 316 -2.20 15.42 6.23
CA LEU A 316 -0.92 15.90 5.72
C LEU A 316 -1.16 16.68 4.43
N ASN A 317 -0.09 17.29 3.92
CA ASN A 317 -0.17 18.10 2.71
C ASN A 317 0.95 17.76 1.74
N LEU A 318 1.25 16.47 1.59
CA LEU A 318 2.23 16.08 0.57
C LEU A 318 1.65 16.27 -0.83
N THR A 319 2.54 16.43 -1.80
CA THR A 319 2.17 16.48 -3.21
C THR A 319 2.38 15.12 -3.86
N VAL A 320 1.82 14.95 -5.05
CA VAL A 320 2.04 13.70 -5.77
C VAL A 320 3.54 13.51 -6.05
N GLY A 321 4.22 14.58 -6.48
CA GLY A 321 5.65 14.47 -6.74
C GLY A 321 6.46 14.20 -5.48
N GLY A 322 6.00 14.71 -4.33
CA GLY A 322 6.69 14.42 -3.08
C GLY A 322 6.66 12.95 -2.75
N MET A 323 5.46 12.35 -2.76
CA MET A 323 5.36 10.91 -2.53
C MET A 323 6.11 10.13 -3.60
N GLN A 324 6.02 10.58 -4.85
CA GLN A 324 6.73 9.89 -5.92
C GLN A 324 8.24 9.89 -5.66
N SER A 325 8.76 10.97 -5.09
CA SER A 325 10.19 11.08 -4.87
C SER A 325 10.65 10.18 -3.73
N ILE A 326 9.87 10.07 -2.66
CA ILE A 326 10.21 9.15 -1.58
C ILE A 326 10.32 7.73 -2.13
N ILE A 327 9.35 7.34 -2.96
CA ILE A 327 9.31 5.98 -3.46
C ILE A 327 10.39 5.73 -4.51
N ARG A 328 10.75 6.75 -5.30
CA ARG A 328 11.85 6.58 -6.24
C ARG A 328 13.16 6.25 -5.53
N LEU A 329 13.36 6.80 -4.33
CA LEU A 329 14.54 6.45 -3.56
C LEU A 329 14.57 4.95 -3.28
N LEU A 330 13.42 4.38 -2.92
CA LEU A 330 13.34 2.93 -2.69
C LEU A 330 13.51 2.15 -3.98
N LEU A 331 12.89 2.61 -5.07
CA LEU A 331 13.02 1.90 -6.35
C LEU A 331 14.45 1.93 -6.85
N LYS A 332 15.09 3.12 -6.78
CA LYS A 332 16.48 3.27 -7.22
C LYS A 332 17.41 2.33 -6.47
N GLU A 333 17.20 2.17 -5.16
CA GLU A 333 18.08 1.30 -4.37
C GLU A 333 17.87 -0.17 -4.71
N ALA A 334 16.61 -0.60 -4.84
CA ALA A 334 16.36 -2.00 -5.18
C ALA A 334 16.82 -2.32 -6.58
N ALA A 335 16.73 -1.36 -7.50
CA ALA A 335 17.20 -1.61 -8.86
C ALA A 335 18.71 -1.74 -8.90
N ARG A 336 19.41 -0.81 -8.25
CA ARG A 336 20.87 -0.81 -8.27
C ARG A 336 21.44 -2.09 -7.65
N ARG A 337 20.78 -2.62 -6.62
CA ARG A 337 21.26 -3.80 -5.90
C ARG A 337 20.53 -5.08 -6.28
N SER A 338 19.70 -5.04 -7.32
CA SER A 338 18.98 -6.22 -7.82
C SER A 338 18.16 -6.87 -6.72
N LEU A 339 17.43 -6.05 -5.98
CA LEU A 339 16.55 -6.51 -4.93
C LEU A 339 15.13 -6.65 -5.46
N LYS A 340 14.18 -6.90 -4.57
CA LYS A 340 12.79 -7.12 -4.93
C LYS A 340 11.88 -6.10 -4.25
N VAL A 341 10.85 -5.65 -4.96
CA VAL A 341 9.95 -4.60 -4.48
C VAL A 341 8.53 -5.16 -4.50
N LEU A 342 7.86 -5.13 -3.34
CA LEU A 342 6.44 -5.48 -3.23
C LEU A 342 5.68 -4.19 -2.96
N LEU A 343 4.84 -3.76 -3.90
CA LEU A 343 4.18 -2.46 -3.80
C LEU A 343 2.71 -2.68 -3.49
N LEU A 344 2.25 -2.12 -2.36
CA LEU A 344 0.86 -2.26 -1.95
C LEU A 344 0.22 -0.89 -1.83
N GLY A 345 -1.11 -0.85 -1.87
CA GLY A 345 -1.87 0.34 -1.55
C GLY A 345 -2.02 0.50 -0.06
N ALA A 346 -3.01 1.31 0.33
CA ALA A 346 -3.45 1.47 1.72
C ALA A 346 -4.65 2.41 1.76
N GLY A 347 -4.60 3.42 2.61
CA GLY A 347 -5.65 4.42 2.66
C GLY A 347 -5.65 5.31 1.43
N GLY A 348 -6.61 6.23 1.39
CA GLY A 348 -6.77 7.16 0.27
C GLY A 348 -8.24 7.41 0.02
N TYR A 349 -8.71 8.62 0.33
CA TYR A 349 -10.15 8.89 0.37
C TYR A 349 -10.58 9.96 -0.63
N VAL A 350 -9.74 10.22 -1.63
CA VAL A 350 -10.10 10.96 -2.85
C VAL A 350 -9.71 10.06 -4.01
N ASP A 351 -10.71 9.57 -4.75
CA ASP A 351 -10.45 8.56 -5.78
C ASP A 351 -9.48 9.05 -6.83
N THR A 352 -9.65 10.30 -7.30
CA THR A 352 -8.77 10.83 -8.33
C THR A 352 -7.33 10.98 -7.82
N SER A 353 -7.17 11.38 -6.56
CA SER A 353 -5.82 11.48 -6.01
C SER A 353 -5.16 10.12 -5.93
N CYS A 354 -5.93 9.11 -5.49
CA CYS A 354 -5.41 7.75 -5.41
C CYS A 354 -4.94 7.26 -6.77
N ALA A 355 -5.76 7.49 -7.80
CA ALA A 355 -5.41 7.03 -9.15
C ALA A 355 -4.21 7.78 -9.71
N ARG A 356 -4.17 9.10 -9.51
CA ARG A 356 -3.02 9.88 -9.94
C ARG A 356 -1.74 9.31 -9.36
N LEU A 357 -1.70 9.10 -8.04
CA LEU A 357 -0.47 8.61 -7.44
C LEU A 357 -0.15 7.20 -7.92
N ALA A 358 -1.16 6.33 -8.03
CA ALA A 358 -0.88 4.97 -8.48
C ALA A 358 -0.36 4.97 -9.91
N GLY A 359 -0.89 5.87 -10.74
CA GLY A 359 -0.42 5.91 -12.13
C GLY A 359 1.06 6.25 -12.24
N VAL A 360 1.49 7.28 -11.51
CA VAL A 360 2.89 7.72 -11.64
C VAL A 360 3.83 6.75 -10.94
N VAL A 361 3.44 6.22 -9.78
CA VAL A 361 4.32 5.27 -9.10
C VAL A 361 4.45 3.99 -9.92
N THR A 362 3.33 3.48 -10.46
CA THR A 362 3.42 2.30 -11.31
C THR A 362 4.27 2.55 -12.55
N LYS A 363 4.11 3.71 -13.19
CA LYS A 363 4.94 3.99 -14.35
C LYS A 363 6.41 4.07 -13.98
N ASP A 364 6.72 4.59 -12.79
CA ASP A 364 8.11 4.58 -12.31
C ASP A 364 8.64 3.17 -12.19
N VAL A 365 7.84 2.25 -11.62
CA VAL A 365 8.28 0.86 -11.45
C VAL A 365 8.52 0.22 -12.81
N LEU A 366 7.62 0.45 -13.77
CA LEU A 366 7.77 -0.09 -15.11
C LEU A 366 9.00 0.48 -15.80
N SER A 367 9.17 1.80 -15.75
CA SER A 367 10.37 2.41 -16.33
C SER A 367 11.62 1.87 -15.67
N CYS A 368 11.58 1.70 -14.36
CA CYS A 368 12.71 1.15 -13.63
C CYS A 368 13.05 -0.25 -14.09
N ALA A 369 12.03 -1.12 -14.20
CA ALA A 369 12.27 -2.50 -14.57
C ALA A 369 12.78 -2.62 -16.00
N ALA A 370 12.22 -1.81 -16.90
CA ALA A 370 12.67 -1.86 -18.29
C ALA A 370 14.12 -1.41 -18.41
N ALA A 371 14.50 -0.37 -17.68
CA ALA A 371 15.89 0.09 -17.73
C ALA A 371 16.84 -0.99 -17.21
N MET A 372 16.46 -1.69 -16.14
CA MET A 372 17.30 -2.75 -15.60
C MET A 372 17.59 -3.81 -16.65
N ARG A 373 16.54 -4.31 -17.32
CA ARG A 373 16.73 -5.35 -18.33
C ARG A 373 17.64 -4.87 -19.46
N LEU A 374 17.61 -3.58 -19.78
CA LEU A 374 18.49 -3.01 -20.79
C LEU A 374 19.85 -2.60 -20.22
N GLY A 375 20.13 -2.93 -18.96
CA GLY A 375 21.41 -2.63 -18.36
C GLY A 375 21.69 -1.16 -18.13
N LYS A 376 20.66 -0.31 -18.23
CA LYS A 376 20.83 1.12 -18.03
C LYS A 376 21.08 1.43 -16.55
N THR A 377 21.66 2.61 -16.32
CA THR A 377 21.86 3.13 -14.97
C THR A 377 20.89 4.24 -14.59
N GLU A 378 20.27 4.88 -15.57
CA GLU A 378 19.11 5.74 -15.31
C GLU A 378 17.86 4.87 -15.37
N TYR A 379 16.99 5.01 -14.38
CA TYR A 379 15.86 4.12 -14.24
C TYR A 379 14.52 4.75 -14.55
N PHE A 380 14.44 6.08 -14.56
CA PHE A 380 13.16 6.77 -14.66
C PHE A 380 13.05 7.60 -15.92
N GLY A 381 13.78 7.21 -16.98
CA GLY A 381 13.73 7.95 -18.22
C GLY A 381 12.42 7.83 -18.96
N ASP A 382 11.59 6.84 -18.63
CA ASP A 382 10.34 6.61 -19.33
C ASP A 382 9.12 6.95 -18.50
N SER A 383 9.31 7.67 -17.40
CA SER A 383 8.20 8.07 -16.53
C SER A 383 8.47 9.47 -16.01
N ALA A 384 7.50 10.37 -16.21
CA ALA A 384 7.68 11.77 -15.85
C ALA A 384 7.80 11.94 -14.34
N ASN A 385 8.81 12.69 -13.91
CA ASN A 385 8.93 13.17 -12.54
C ASN A 385 7.99 14.36 -12.37
N LEU A 386 6.93 14.18 -11.58
CA LEU A 386 5.95 15.25 -11.39
C LEU A 386 6.50 16.41 -10.59
N GLY A 387 7.62 16.23 -9.89
CA GLY A 387 8.26 17.33 -9.21
C GLY A 387 8.78 18.42 -10.13
N ASP A 388 9.10 18.08 -11.38
CA ASP A 388 9.55 19.11 -12.32
C ASP A 388 8.87 19.08 -13.68
N ASN A 389 8.12 18.04 -14.03
CA ASN A 389 7.21 18.11 -15.17
C ASN A 389 5.83 18.44 -14.63
N LEU A 390 5.46 19.71 -14.72
CA LEU A 390 4.20 20.21 -14.17
C LEU A 390 3.09 20.29 -15.20
N GLY A 391 3.24 19.61 -16.34
CA GLY A 391 2.21 19.65 -17.36
C GLY A 391 1.78 18.29 -17.88
N VAL A 392 1.97 17.24 -17.09
CA VAL A 392 1.60 15.89 -17.51
C VAL A 392 0.08 15.77 -17.50
N ALA A 393 -0.50 15.46 -18.65
CA ALA A 393 -1.95 15.39 -18.77
C ALA A 393 -2.50 14.07 -18.24
N VAL A 394 -3.69 14.15 -17.65
CA VAL A 394 -4.50 12.94 -17.47
C VAL A 394 -4.92 12.43 -18.84
N PRO A 395 -4.67 11.16 -19.17
CA PRO A 395 -5.01 10.67 -20.51
C PRO A 395 -6.49 10.82 -20.80
N GLU A 396 -6.81 11.34 -22.01
CA GLU A 396 -8.21 11.50 -22.36
C GLU A 396 -8.93 10.17 -22.49
N GLY A 397 -8.19 9.09 -22.74
CA GLY A 397 -8.80 7.78 -22.86
C GLY A 397 -9.28 7.19 -21.55
N CYS A 398 -8.88 7.75 -20.40
CA CYS A 398 -9.37 7.27 -19.11
C CYS A 398 -10.88 7.24 -19.09
N GLU A 399 -11.45 6.12 -18.61
CA GLU A 399 -12.88 6.05 -18.43
C GLU A 399 -13.40 7.16 -17.51
N TYR A 400 -12.63 7.54 -16.50
CA TYR A 400 -13.04 8.53 -15.51
C TYR A 400 -12.45 9.91 -15.80
N PHE A 401 -12.04 10.16 -17.05
CA PHE A 401 -11.32 11.39 -17.40
C PHE A 401 -12.02 12.64 -16.88
N THR A 402 -13.35 12.73 -17.05
CA THR A 402 -14.06 13.95 -16.72
C THR A 402 -14.12 14.22 -15.22
N ARG A 403 -13.64 13.30 -14.38
CA ARG A 403 -13.58 13.56 -12.95
C ARG A 403 -12.32 14.29 -12.54
N TYR A 404 -11.37 14.51 -13.45
CA TYR A 404 -10.08 15.06 -13.09
C TYR A 404 -9.98 16.56 -13.31
N GLY A 405 -11.12 17.24 -13.47
CA GLY A 405 -11.15 18.69 -13.56
C GLY A 405 -10.80 19.34 -12.24
N PRO A 406 -10.58 20.67 -12.25
CA PRO A 406 -10.77 21.54 -13.42
C PRO A 406 -9.64 21.54 -14.45
N SER A 407 -8.49 20.94 -14.14
CA SER A 407 -7.32 21.12 -15.00
C SER A 407 -6.72 19.84 -15.57
N PHE A 408 -7.13 18.66 -15.11
CA PHE A 408 -6.83 17.43 -15.84
C PHE A 408 -5.32 17.21 -16.00
N LEU A 409 -4.56 17.57 -14.97
CA LEU A 409 -3.13 17.26 -14.92
C LEU A 409 -2.89 16.18 -13.87
N MET A 410 -1.85 15.37 -14.07
CA MET A 410 -1.61 14.23 -13.17
C MET A 410 -1.26 14.63 -11.76
N HIS A 411 -0.80 15.87 -11.53
CA HIS A 411 -0.42 16.28 -10.18
C HIS A 411 -1.53 17.03 -9.45
N GLY A 412 -2.67 17.30 -10.09
CA GLY A 412 -3.71 18.09 -9.49
C GLY A 412 -4.27 17.47 -8.22
N LEU A 413 -4.40 18.25 -7.16
CA LEU A 413 -4.91 17.79 -5.88
C LEU A 413 -6.01 18.74 -5.45
N PRO A 414 -6.91 18.30 -4.58
CA PRO A 414 -7.91 19.23 -4.01
C PRO A 414 -7.24 20.29 -3.17
N PRO A 415 -7.95 21.37 -2.84
CA PRO A 415 -7.39 22.37 -1.95
C PRO A 415 -7.08 21.76 -0.58
N ALA A 416 -6.08 22.33 0.09
CA ALA A 416 -5.65 21.76 1.36
C ALA A 416 -6.80 21.79 2.38
N ARG A 417 -6.92 20.72 3.15
CA ARG A 417 -7.92 20.66 4.22
C ARG A 417 -7.38 21.23 5.52
N VAL A 418 -6.12 20.96 5.83
CA VAL A 418 -5.46 21.50 7.01
C VAL A 418 -4.32 22.39 6.54
N SER A 419 -4.01 23.42 7.34
CA SER A 419 -3.07 24.42 6.87
C SER A 419 -1.68 23.81 6.66
N LYS A 420 -0.97 24.34 5.67
CA LYS A 420 0.32 23.81 5.28
C LYS A 420 1.40 24.22 6.27
N LEU A 421 2.28 23.28 6.61
CA LEU A 421 3.36 23.50 7.55
C LEU A 421 4.68 23.24 6.84
N TYR A 422 5.56 24.24 6.85
CA TYR A 422 6.86 24.14 6.21
C TYR A 422 8.01 24.03 7.18
N ARG A 423 7.79 24.25 8.47
CA ARG A 423 8.83 24.19 9.47
C ARG A 423 8.32 23.41 10.67
N LEU A 424 9.25 22.77 11.39
CA LEU A 424 8.89 22.10 12.63
C LEU A 424 8.86 23.10 13.78
N PRO A 425 7.89 23.00 14.69
CA PRO A 425 7.73 23.87 15.87
C PRO A 425 8.92 23.87 16.84
#